data_5YQW
#
_entry.id   5YQW
#
_cell.length_a   54.730
_cell.length_b   54.730
_cell.length_c   306.442
_cell.angle_alpha   90.00
_cell.angle_beta   90.00
_cell.angle_gamma   120.00
#
_symmetry.space_group_name_H-M   'P 31 2 1'
#
loop_
_entity.id
_entity.type
_entity.pdbx_description
1 polymer 'Peptide ABC transporter, periplasmic peptide-binding protein'
2 branched 2-acetamido-2-deoxy-beta-D-glucopyranose-(1-4)-2-acetamido-2-deoxy-beta-D-glucopyranose
3 non-polymer 1-ETHOXY-2-(2-ETHOXYETHOXY)ETHANE
4 non-polymer 'NICKEL (II) ION'
5 water water
#
_entity_poly.entity_id   1
_entity_poly.type   'polypeptide(L)'
_entity_poly.pdbx_seq_one_letter_code
;AERSELTIHPKEFTTFVRNFNPFLGATNLHTTTDFIYEPLVVFNEMHGNTPVFRLAENFQMSDDLMSVTFDIRKGVKWSD
GEAFTADDVVYSFNLVKEKPELDQSGINSWVTGVEKVNDYQVKFRLSEANSNVPYEIAKVPVVPKHVWSKVKDPSTFTNE
NPVGSGPFTVIDTFTPQLYIQCENPNYWDAANLDVDCLRVPQIANNDQFLGKVVNGEMDWTSSFVPDIDRTYAAASPKHH
YWYPPAGTQAFVVNFKNPDAAKNEALTNVDFRRAFSMALDRQTIIDIAFYGGGTVNDFASGLGYAFEAWSDEKTHDKFKA
YNSYNAEGAKKLLAKAGFKDVNKDGFVDTPSGKSFELLIQSPNGWTDFNNTVQLAVEQLAEVGIKARARTPDFSVYNQAM
LEGTYDVAYTNYFHGADPYTYWNSAYNSALQSGDGMPRFAMHFYKNEKLDGLLNSFYKTADKQEQLEIAHGIQQIIAQDQ
VTIPVLSGAYMYQYNTTRFTGWWNEENPKGRPNIWAGIPERLLHVLDLKPVK
;
_entity_poly.pdbx_strand_id   A
#
loop_
_chem_comp.id
_chem_comp.type
_chem_comp.name
_chem_comp.formula
NAG D-saccharide, beta linking 2-acetamido-2-deoxy-beta-D-glucopyranose 'C8 H15 N O6'
NI non-polymer 'NICKEL (II) ION' 'Ni 2'
P4G non-polymer 1-ETHOXY-2-(2-ETHOXYETHOXY)ETHANE 'C8 H18 O3'
#
# COMPACT_ATOMS: atom_id res chain seq x y z
N ALA A 1 -11.65 -25.09 25.65
CA ALA A 1 -12.15 -26.15 24.66
C ALA A 1 -11.04 -26.91 23.88
N GLU A 2 -11.03 -26.85 22.52
CA GLU A 2 -10.10 -27.66 21.67
C GLU A 2 -9.35 -27.06 20.46
N ARG A 3 -9.67 -25.83 20.05
CA ARG A 3 -8.72 -25.04 19.17
C ARG A 3 -8.70 -23.52 19.38
N SER A 4 -7.56 -22.88 19.03
CA SER A 4 -7.46 -21.41 19.21
C SER A 4 -7.91 -20.78 17.83
N GLU A 5 -8.81 -19.80 17.93
CA GLU A 5 -9.26 -19.04 16.73
C GLU A 5 -8.91 -17.58 16.91
N LEU A 6 -8.02 -17.03 16.06
CA LEU A 6 -7.53 -15.67 16.26
C LEU A 6 -8.35 -14.72 15.28
N THR A 7 -9.09 -13.77 15.88
CA THR A 7 -10.08 -12.97 15.08
C THR A 7 -9.31 -11.75 14.52
N ILE A 8 -9.24 -11.70 13.18
CA ILE A 8 -8.44 -10.62 12.51
C ILE A 8 -9.35 -9.88 11.51
N HIS A 9 -8.84 -8.71 11.04
CA HIS A 9 -9.68 -7.94 10.10
C HIS A 9 -8.75 -7.19 9.07
N PRO A 10 -8.33 -7.88 7.99
CA PRO A 10 -7.32 -7.21 7.07
C PRO A 10 -7.99 -6.26 6.07
N LYS A 11 -9.30 -6.38 5.79
CA LYS A 11 -9.91 -5.66 4.62
C LYS A 11 -11.43 -5.61 4.82
N GLU A 12 -12.03 -4.43 4.67
CA GLU A 12 -13.49 -4.36 4.69
C GLU A 12 -14.16 -4.86 3.42
N PHE A 13 -15.29 -5.57 3.59
CA PHE A 13 -16.06 -6.07 2.45
C PHE A 13 -17.55 -6.09 2.93
N THR A 14 -18.50 -6.05 1.96
CA THR A 14 -19.94 -6.27 2.29
CA THR A 14 -19.93 -6.25 2.29
C THR A 14 -20.34 -7.72 2.27
N THR A 15 -19.71 -8.50 1.35
CA THR A 15 -19.92 -9.95 1.29
CA THR A 15 -19.92 -9.93 1.31
C THR A 15 -18.61 -10.62 0.85
N PHE A 16 -18.29 -11.80 1.40
CA PHE A 16 -17.08 -12.50 0.92
C PHE A 16 -17.35 -13.32 -0.29
N VAL A 17 -16.47 -13.17 -1.28
CA VAL A 17 -16.47 -14.04 -2.45
C VAL A 17 -15.27 -14.98 -2.39
N ARG A 18 -15.46 -16.25 -2.67
CA ARG A 18 -14.39 -17.20 -2.41
C ARG A 18 -13.31 -17.16 -3.56
N ASN A 19 -12.22 -16.49 -3.27
CA ASN A 19 -11.15 -16.24 -4.30
C ASN A 19 -9.80 -16.16 -3.54
N PHE A 20 -8.95 -17.19 -3.66
CA PHE A 20 -7.65 -17.27 -2.95
C PHE A 20 -6.53 -17.24 -4.05
N ASN A 21 -6.77 -16.58 -5.18
CA ASN A 21 -5.69 -16.39 -6.20
C ASN A 21 -4.75 -15.25 -5.79
N PRO A 22 -3.48 -15.54 -5.39
CA PRO A 22 -2.63 -14.50 -4.84
C PRO A 22 -2.21 -13.42 -5.85
N PHE A 23 -2.47 -13.66 -7.16
CA PHE A 23 -2.09 -12.62 -8.18
C PHE A 23 -3.22 -11.65 -8.45
N LEU A 24 -4.41 -11.87 -7.90
CA LEU A 24 -5.60 -11.01 -8.19
C LEU A 24 -5.98 -10.11 -7.00
N GLY A 25 -5.05 -9.21 -6.63
CA GLY A 25 -5.21 -8.37 -5.40
C GLY A 25 -6.44 -7.46 -5.44
N ALA A 26 -6.94 -7.15 -6.63
CA ALA A 26 -8.15 -6.28 -6.70
C ALA A 26 -9.42 -7.06 -6.44
N THR A 27 -9.38 -8.41 -6.44
CA THR A 27 -10.64 -9.20 -6.29
C THR A 27 -10.54 -10.36 -5.32
N ASN A 28 -9.38 -10.60 -4.72
CA ASN A 28 -9.23 -11.76 -3.78
C ASN A 28 -9.46 -11.43 -2.30
N LEU A 29 -9.40 -12.49 -1.49
CA LEU A 29 -9.46 -12.35 -0.03
C LEU A 29 -8.07 -12.00 0.52
N HIS A 30 -7.97 -11.16 1.56
CA HIS A 30 -6.69 -10.56 1.93
C HIS A 30 -6.01 -11.34 3.08
N THR A 31 -6.28 -12.66 3.13
CA THR A 31 -5.41 -13.61 3.91
C THR A 31 -4.75 -14.68 2.98
N THR A 32 -4.64 -14.37 1.69
CA THR A 32 -4.00 -15.27 0.70
C THR A 32 -2.47 -15.15 0.69
N THR A 33 -1.95 -13.91 0.48
CA THR A 33 -0.49 -13.73 0.58
C THR A 33 -0.06 -13.97 2.00
N ASP A 34 1.18 -14.49 2.17
CA ASP A 34 1.84 -14.70 3.48
C ASP A 34 1.28 -15.95 4.19
N PHE A 35 -0.06 -15.97 4.47
CA PHE A 35 -0.66 -17.04 5.28
C PHE A 35 -0.93 -18.29 4.41
N ILE A 36 -1.28 -18.20 3.11
CA ILE A 36 -1.43 -19.36 2.22
C ILE A 36 -0.15 -19.58 1.43
N TYR A 37 0.36 -18.49 0.79
CA TYR A 37 1.59 -18.50 -0.05
C TYR A 37 2.65 -17.71 0.69
N GLU A 38 3.59 -18.44 1.35
CA GLU A 38 4.64 -17.80 2.18
C GLU A 38 5.75 -17.29 1.23
N PRO A 39 6.40 -16.17 1.56
CA PRO A 39 7.48 -15.65 0.67
C PRO A 39 8.79 -16.49 0.85
N LEU A 40 9.70 -16.20 -0.07
CA LEU A 40 11.07 -16.70 0.07
C LEU A 40 11.77 -16.11 1.28
N VAL A 41 11.65 -14.78 1.55
CA VAL A 41 12.34 -14.02 2.59
C VAL A 41 11.38 -12.96 3.03
N VAL A 42 11.37 -12.66 4.29
CA VAL A 42 10.63 -11.45 4.76
C VAL A 42 11.67 -10.43 5.21
N PHE A 43 11.60 -9.17 4.73
CA PHE A 43 12.49 -8.09 5.19
C PHE A 43 11.81 -7.21 6.23
N ASN A 44 12.46 -7.06 7.38
CA ASN A 44 11.87 -6.26 8.49
C ASN A 44 12.13 -4.75 8.29
N GLU A 45 11.15 -4.06 7.74
CA GLU A 45 11.33 -2.70 7.23
C GLU A 45 11.50 -1.70 8.34
N MET A 46 10.92 -1.95 9.52
CA MET A 46 11.12 -1.01 10.65
C MET A 46 12.58 -1.09 11.18
N HIS A 47 13.29 -2.17 10.86
CA HIS A 47 14.61 -2.41 11.44
C HIS A 47 15.66 -2.58 10.29
N GLY A 48 15.75 -1.57 9.43
CA GLY A 48 16.84 -1.64 8.42
C GLY A 48 16.67 -2.72 7.35
N ASN A 49 15.46 -3.27 7.06
CA ASN A 49 15.34 -4.43 6.11
C ASN A 49 16.17 -5.66 6.54
N THR A 50 16.30 -5.85 7.87
CA THR A 50 16.98 -7.11 8.31
C THR A 50 16.19 -8.36 7.79
N PRO A 51 16.88 -9.33 7.15
CA PRO A 51 16.21 -10.44 6.57
C PRO A 51 15.78 -11.54 7.55
N VAL A 52 14.66 -12.21 7.24
CA VAL A 52 14.23 -13.45 7.90
C VAL A 52 14.01 -14.50 6.89
N PHE A 53 14.89 -15.52 6.82
CA PHE A 53 14.87 -16.51 5.73
C PHE A 53 13.71 -17.48 5.91
N ARG A 54 12.82 -17.58 4.93
CA ARG A 54 11.62 -18.45 5.01
C ARG A 54 11.76 -19.62 4.03
N LEU A 55 11.09 -19.62 2.89
CA LEU A 55 11.16 -20.74 1.90
C LEU A 55 12.62 -20.78 1.26
N ALA A 56 13.31 -19.63 1.14
CA ALA A 56 14.76 -19.65 0.83
C ALA A 56 15.55 -19.53 2.01
N GLU A 57 16.72 -20.21 1.98
CA GLU A 57 17.68 -20.05 3.11
C GLU A 57 18.82 -19.10 2.92
N ASN A 58 19.03 -18.63 1.67
CA ASN A 58 20.12 -17.65 1.44
C ASN A 58 19.94 -17.05 0.01
N PHE A 59 20.60 -15.92 -0.22
CA PHE A 59 20.71 -15.36 -1.64
C PHE A 59 22.06 -14.68 -1.78
N GLN A 60 22.55 -14.59 -3.03
CA GLN A 60 23.76 -13.85 -3.32
C GLN A 60 23.66 -13.09 -4.63
N MET A 61 23.88 -11.75 -4.59
CA MET A 61 24.01 -10.96 -5.89
C MET A 61 25.31 -11.28 -6.60
N SER A 62 25.31 -11.20 -7.90
CA SER A 62 26.58 -11.25 -8.68
C SER A 62 27.36 -9.96 -8.50
N ASP A 63 28.67 -10.01 -8.87
CA ASP A 63 29.55 -8.86 -8.69
C ASP A 63 29.11 -7.64 -9.48
N ASP A 64 28.59 -7.85 -10.68
CA ASP A 64 28.12 -6.75 -11.49
C ASP A 64 26.67 -6.28 -11.14
N LEU A 65 26.02 -6.94 -10.17
CA LEU A 65 24.61 -6.59 -9.73
C LEU A 65 23.56 -6.82 -10.86
N MET A 66 23.88 -7.69 -11.83
CA MET A 66 22.97 -7.98 -12.90
C MET A 66 22.29 -9.35 -12.79
N SER A 67 22.60 -10.07 -11.68
CA SER A 67 21.92 -11.35 -11.43
C SER A 67 21.98 -11.65 -9.94
N VAL A 68 21.13 -12.60 -9.55
CA VAL A 68 21.07 -13.05 -8.14
C VAL A 68 20.66 -14.50 -8.10
N THR A 69 21.32 -15.21 -7.18
CA THR A 69 21.01 -16.65 -6.99
CA THR A 69 20.99 -16.66 -6.99
C THR A 69 20.33 -16.83 -5.63
N PHE A 70 19.19 -17.53 -5.61
CA PHE A 70 18.55 -17.90 -4.31
C PHE A 70 18.74 -19.43 -4.05
N ASP A 71 19.06 -19.74 -2.80
CA ASP A 71 19.10 -21.18 -2.29
C ASP A 71 17.75 -21.57 -1.64
N ILE A 72 17.10 -22.58 -2.18
CA ILE A 72 15.79 -23.05 -1.65
C ILE A 72 16.00 -24.00 -0.45
N ARG A 73 15.28 -23.82 0.68
CA ARG A 73 15.34 -24.76 1.78
C ARG A 73 14.94 -26.18 1.34
N LYS A 74 15.71 -27.18 1.85
CA LYS A 74 15.31 -28.57 1.65
C LYS A 74 14.27 -29.02 2.73
N GLY A 75 13.47 -30.00 2.35
CA GLY A 75 12.48 -30.68 3.25
C GLY A 75 11.21 -29.85 3.50
N VAL A 76 10.91 -28.85 2.65
CA VAL A 76 9.62 -28.08 2.72
C VAL A 76 8.60 -28.77 1.84
N LYS A 77 7.34 -28.90 2.34
CA LYS A 77 6.21 -29.47 1.59
CA LYS A 77 6.21 -29.49 1.60
C LYS A 77 5.11 -28.48 1.34
N TRP A 78 4.48 -28.62 0.18
CA TRP A 78 3.15 -28.03 -0.06
C TRP A 78 2.11 -28.73 0.86
N SER A 79 0.94 -28.10 1.00
CA SER A 79 -0.07 -28.62 2.00
C SER A 79 -0.63 -29.96 1.56
N ASP A 80 -0.56 -30.34 0.29
CA ASP A 80 -1.04 -31.70 -0.10
C ASP A 80 0.06 -32.74 0.06
N GLY A 81 1.25 -32.41 0.52
CA GLY A 81 2.35 -33.37 0.76
C GLY A 81 3.46 -33.30 -0.29
N GLU A 82 3.25 -32.69 -1.46
CA GLU A 82 4.30 -32.65 -2.53
C GLU A 82 5.48 -31.77 -2.07
N ALA A 83 6.72 -32.07 -2.54
CA ALA A 83 7.88 -31.22 -2.21
C ALA A 83 7.81 -29.83 -2.90
N PHE A 84 8.16 -28.81 -2.12
CA PHE A 84 8.46 -27.45 -2.69
C PHE A 84 9.88 -27.43 -3.23
N THR A 85 10.06 -26.95 -4.48
CA THR A 85 11.38 -26.98 -5.14
C THR A 85 11.63 -25.71 -6.01
N ALA A 86 12.83 -25.57 -6.53
CA ALA A 86 13.07 -24.54 -7.54
C ALA A 86 12.08 -24.55 -8.71
N ASP A 87 11.52 -25.71 -9.12
CA ASP A 87 10.59 -25.69 -10.20
C ASP A 87 9.34 -24.73 -9.98
N ASP A 88 8.89 -24.69 -8.74
CA ASP A 88 7.73 -23.81 -8.38
C ASP A 88 8.11 -22.33 -8.54
N VAL A 89 9.33 -21.94 -8.19
CA VAL A 89 9.76 -20.52 -8.28
C VAL A 89 9.88 -20.16 -9.77
N VAL A 90 10.56 -21.03 -10.57
CA VAL A 90 10.68 -20.79 -12.07
C VAL A 90 9.31 -20.68 -12.75
N TYR A 91 8.36 -21.57 -12.46
CA TYR A 91 7.06 -21.59 -13.03
C TYR A 91 6.35 -20.21 -12.65
N SER A 92 6.38 -19.81 -11.35
CA SER A 92 5.58 -18.65 -10.93
C SER A 92 6.17 -17.36 -11.61
N PHE A 93 7.53 -17.23 -11.68
CA PHE A 93 8.03 -16.04 -12.46
C PHE A 93 7.73 -16.12 -13.93
N ASN A 94 7.80 -17.32 -14.52
CA ASN A 94 7.40 -17.37 -15.94
C ASN A 94 5.93 -17.08 -16.18
N LEU A 95 5.05 -17.49 -15.29
CA LEU A 95 3.63 -17.15 -15.40
C LEU A 95 3.39 -15.62 -15.37
N VAL A 96 4.04 -14.92 -14.40
CA VAL A 96 3.81 -13.44 -14.32
C VAL A 96 4.40 -12.68 -15.55
N LYS A 97 5.47 -13.27 -16.17
CA LYS A 97 6.06 -12.65 -17.41
C LYS A 97 5.14 -12.86 -18.58
N GLU A 98 4.58 -14.04 -18.73
CA GLU A 98 3.69 -14.40 -19.87
C GLU A 98 2.27 -13.83 -19.76
N LYS A 99 1.72 -13.67 -18.52
CA LYS A 99 0.36 -13.12 -18.32
C LYS A 99 0.62 -11.82 -17.45
N PRO A 100 1.10 -10.70 -18.05
CA PRO A 100 1.51 -9.52 -17.32
C PRO A 100 0.41 -8.84 -16.52
N GLU A 101 -0.85 -9.16 -16.78
CA GLU A 101 -1.97 -8.75 -15.90
C GLU A 101 -1.85 -9.28 -14.46
N LEU A 102 -0.96 -10.28 -14.25
CA LEU A 102 -0.77 -10.89 -12.91
C LEU A 102 0.44 -10.25 -12.22
N ASP A 103 1.13 -9.27 -12.87
CA ASP A 103 2.22 -8.51 -12.22
C ASP A 103 1.64 -7.34 -11.40
N GLN A 104 1.72 -7.44 -10.08
CA GLN A 104 1.08 -6.41 -9.19
C GLN A 104 2.14 -5.47 -8.65
N SER A 105 3.46 -5.70 -8.92
CA SER A 105 4.55 -4.89 -8.30
C SER A 105 5.61 -4.28 -9.25
N GLY A 106 5.48 -4.53 -10.55
CA GLY A 106 6.52 -4.07 -11.50
C GLY A 106 7.71 -5.04 -11.65
N ILE A 107 7.58 -6.31 -11.24
CA ILE A 107 8.72 -7.19 -11.34
C ILE A 107 9.15 -7.35 -12.82
N ASN A 108 8.25 -7.30 -13.81
CA ASN A 108 8.66 -7.57 -15.20
C ASN A 108 9.55 -6.38 -15.71
N SER A 109 9.61 -5.24 -15.03
CA SER A 109 10.58 -4.19 -15.43
C SER A 109 12.03 -4.59 -15.03
N TRP A 110 12.18 -5.48 -14.01
CA TRP A 110 13.49 -5.75 -13.45
C TRP A 110 14.00 -7.11 -13.83
N VAL A 111 13.20 -8.15 -13.80
CA VAL A 111 13.64 -9.55 -14.11
C VAL A 111 13.34 -9.98 -15.53
N THR A 112 14.39 -10.31 -16.27
CA THR A 112 14.22 -10.67 -17.72
C THR A 112 14.10 -12.16 -17.87
N GLY A 113 14.71 -12.91 -16.96
CA GLY A 113 14.63 -14.35 -17.01
C GLY A 113 14.99 -15.10 -15.75
N VAL A 114 14.55 -16.35 -15.67
CA VAL A 114 14.70 -17.12 -14.44
CA VAL A 114 14.71 -17.14 -14.45
C VAL A 114 15.18 -18.52 -14.85
N GLU A 115 16.26 -19.01 -14.23
CA GLU A 115 16.91 -20.32 -14.65
C GLU A 115 16.86 -21.25 -13.44
N LYS A 116 16.45 -22.48 -13.66
CA LYS A 116 16.74 -23.48 -12.65
C LYS A 116 18.22 -23.96 -12.70
N VAL A 117 19.03 -23.80 -11.65
CA VAL A 117 20.40 -24.37 -11.55
C VAL A 117 20.33 -25.86 -11.11
N ASN A 118 19.44 -26.20 -10.18
CA ASN A 118 19.22 -27.57 -9.72
C ASN A 118 17.94 -27.48 -8.85
N ASP A 119 17.50 -28.56 -8.15
CA ASP A 119 16.21 -28.51 -7.48
C ASP A 119 16.17 -27.48 -6.36
N TYR A 120 17.33 -27.05 -5.86
CA TYR A 120 17.39 -26.13 -4.70
C TYR A 120 18.11 -24.83 -4.95
N GLN A 121 18.26 -24.46 -6.24
CA GLN A 121 18.88 -23.15 -6.55
C GLN A 121 18.33 -22.56 -7.83
N VAL A 122 18.03 -21.24 -7.77
CA VAL A 122 17.35 -20.52 -8.90
C VAL A 122 18.21 -19.26 -9.17
N LYS A 123 18.44 -18.95 -10.45
CA LYS A 123 19.16 -17.77 -10.86
C LYS A 123 18.24 -16.81 -11.59
N PHE A 124 18.33 -15.54 -11.17
CA PHE A 124 17.49 -14.46 -11.79
C PHE A 124 18.43 -13.57 -12.58
N ARG A 125 18.07 -13.25 -13.83
CA ARG A 125 18.85 -12.25 -14.60
C ARG A 125 18.07 -10.95 -14.66
N LEU A 126 18.78 -9.82 -14.67
CA LEU A 126 18.20 -8.50 -14.58
C LEU A 126 18.28 -7.65 -15.87
N SER A 127 17.32 -6.75 -16.03
CA SER A 127 17.38 -5.73 -17.13
C SER A 127 18.38 -4.64 -16.87
N GLU A 128 18.67 -4.37 -15.60
CA GLU A 128 19.45 -3.23 -15.15
C GLU A 128 19.96 -3.53 -13.70
N ALA A 129 21.13 -2.97 -13.33
CA ALA A 129 21.72 -3.25 -12.00
C ALA A 129 20.76 -2.76 -10.91
N ASN A 130 20.61 -3.63 -9.87
CA ASN A 130 19.70 -3.25 -8.76
C ASN A 130 20.08 -4.02 -7.50
N SER A 131 20.74 -3.32 -6.57
CA SER A 131 21.23 -3.98 -5.30
C SER A 131 20.04 -4.28 -4.40
N ASN A 132 18.84 -3.75 -4.72
CA ASN A 132 17.62 -3.97 -3.85
C ASN A 132 16.76 -5.10 -4.45
N VAL A 133 17.21 -5.74 -5.53
CA VAL A 133 16.38 -6.71 -6.26
C VAL A 133 15.91 -7.89 -5.35
N PRO A 134 16.68 -8.32 -4.32
CA PRO A 134 16.09 -9.43 -3.58
C PRO A 134 14.78 -9.00 -2.88
N TYR A 135 14.68 -7.77 -2.46
CA TYR A 135 13.42 -7.27 -1.87
C TYR A 135 12.26 -7.27 -2.89
N GLU A 136 12.53 -6.81 -4.11
CA GLU A 136 11.53 -6.92 -5.20
C GLU A 136 11.11 -8.33 -5.53
N ILE A 137 12.07 -9.23 -5.61
CA ILE A 137 11.74 -10.66 -5.94
C ILE A 137 10.82 -11.27 -4.80
N ALA A 138 11.07 -10.89 -3.53
CA ALA A 138 10.31 -11.48 -2.43
C ALA A 138 8.83 -11.05 -2.48
N LYS A 139 8.44 -10.04 -3.26
CA LYS A 139 7.03 -9.63 -3.36
C LYS A 139 6.21 -10.62 -4.16
N VAL A 140 6.79 -11.41 -5.11
CA VAL A 140 6.04 -12.14 -6.10
C VAL A 140 5.56 -13.45 -5.46
N PRO A 141 4.25 -13.73 -5.51
CA PRO A 141 3.73 -15.04 -4.89
C PRO A 141 4.35 -16.25 -5.66
N VAL A 142 4.73 -17.29 -4.89
CA VAL A 142 5.13 -18.57 -5.49
C VAL A 142 4.01 -19.61 -5.21
N VAL A 143 3.47 -20.14 -6.32
CA VAL A 143 2.41 -21.12 -6.26
C VAL A 143 2.89 -22.51 -6.76
N PRO A 144 2.13 -23.59 -6.48
CA PRO A 144 2.62 -24.96 -6.85
C PRO A 144 2.42 -25.21 -8.37
N LYS A 145 3.53 -25.43 -9.07
CA LYS A 145 3.50 -25.80 -10.49
C LYS A 145 2.54 -27.02 -10.79
N HIS A 146 2.61 -28.00 -9.89
CA HIS A 146 1.82 -29.23 -10.13
C HIS A 146 0.33 -29.02 -10.15
N VAL A 147 -0.18 -27.95 -9.53
CA VAL A 147 -1.60 -27.57 -9.68
C VAL A 147 -1.77 -26.54 -10.80
N TRP A 148 -1.06 -25.40 -10.72
CA TRP A 148 -1.38 -24.24 -11.58
C TRP A 148 -1.05 -24.45 -13.07
N SER A 149 0.00 -25.25 -13.34
CA SER A 149 0.33 -25.52 -14.78
C SER A 149 -0.77 -26.29 -15.52
N LYS A 150 -1.78 -26.80 -14.82
CA LYS A 150 -2.90 -27.60 -15.46
C LYS A 150 -4.19 -26.79 -15.54
N VAL A 151 -4.16 -25.58 -14.99
CA VAL A 151 -5.35 -24.73 -15.00
C VAL A 151 -5.45 -24.08 -16.38
N LYS A 152 -6.68 -24.16 -16.95
CA LYS A 152 -7.01 -23.54 -18.24
C LYS A 152 -6.60 -22.07 -18.32
N ASP A 153 -6.91 -21.29 -17.28
CA ASP A 153 -6.61 -19.86 -17.36
C ASP A 153 -6.32 -19.28 -15.96
N PRO A 154 -5.01 -19.19 -15.58
CA PRO A 154 -4.69 -18.74 -14.23
C PRO A 154 -5.21 -17.34 -13.97
N SER A 155 -5.44 -16.52 -15.00
N SER A 155 -5.41 -16.49 -14.98
CA SER A 155 -5.92 -15.13 -14.81
CA SER A 155 -5.83 -15.12 -14.65
C SER A 155 -7.35 -15.04 -14.30
C SER A 155 -7.35 -15.02 -14.29
N THR A 156 -8.12 -16.11 -14.51
CA THR A 156 -9.54 -16.16 -14.06
C THR A 156 -9.79 -17.24 -13.00
N PHE A 157 -8.76 -17.95 -12.59
CA PHE A 157 -8.91 -19.09 -11.64
C PHE A 157 -9.12 -18.54 -10.23
N THR A 158 -10.21 -19.03 -9.55
CA THR A 158 -10.51 -18.45 -8.22
C THR A 158 -9.84 -19.25 -7.07
N ASN A 159 -9.18 -20.38 -7.42
CA ASN A 159 -8.44 -21.15 -6.42
C ASN A 159 -9.22 -21.38 -5.11
N GLU A 160 -10.44 -21.95 -5.24
CA GLU A 160 -11.35 -22.13 -4.10
C GLU A 160 -10.89 -23.10 -3.01
N ASN A 161 -10.05 -24.05 -3.40
CA ASN A 161 -9.52 -25.11 -2.48
C ASN A 161 -7.95 -25.11 -2.52
N PRO A 162 -7.34 -24.15 -1.91
CA PRO A 162 -5.93 -23.86 -2.20
C PRO A 162 -4.95 -24.89 -1.70
N VAL A 163 -3.85 -25.05 -2.44
CA VAL A 163 -2.71 -25.89 -2.01
C VAL A 163 -1.63 -24.85 -1.74
N GLY A 164 -1.12 -24.76 -0.51
CA GLY A 164 -0.22 -23.64 -0.14
C GLY A 164 1.00 -24.09 0.67
N SER A 165 1.94 -23.14 0.84
CA SER A 165 3.15 -23.36 1.57
C SER A 165 3.18 -22.78 2.97
N GLY A 166 2.22 -21.87 3.27
CA GLY A 166 2.26 -21.04 4.48
C GLY A 166 1.51 -21.71 5.65
N PRO A 167 1.39 -20.96 6.78
CA PRO A 167 0.88 -21.57 8.03
C PRO A 167 -0.60 -21.95 7.96
N PHE A 168 -1.42 -21.26 7.18
CA PHE A 168 -2.92 -21.49 7.24
C PHE A 168 -3.54 -21.74 5.89
N THR A 169 -3.59 -23.01 5.49
CA THR A 169 -4.11 -23.37 4.18
C THR A 169 -5.49 -24.02 4.08
N VAL A 170 -6.05 -24.42 5.22
CA VAL A 170 -7.25 -25.27 5.17
C VAL A 170 -8.51 -24.36 5.26
N ILE A 171 -9.43 -24.46 4.34
CA ILE A 171 -10.64 -23.64 4.43
C ILE A 171 -11.69 -24.42 5.20
N ASP A 172 -11.70 -24.17 6.50
CA ASP A 172 -12.44 -24.99 7.52
C ASP A 172 -13.91 -24.66 7.37
N THR A 173 -14.21 -23.35 7.27
CA THR A 173 -15.61 -22.83 7.08
C THR A 173 -15.53 -21.71 6.07
N PHE A 174 -16.52 -21.66 5.18
CA PHE A 174 -16.64 -20.49 4.28
C PHE A 174 -18.11 -20.11 4.13
N THR A 175 -18.45 -18.87 4.51
CA THR A 175 -19.80 -18.35 4.23
C THR A 175 -19.63 -16.88 3.82
N PRO A 176 -20.68 -16.24 3.34
CA PRO A 176 -20.40 -14.83 2.87
C PRO A 176 -20.18 -13.85 4.04
N GLN A 177 -20.49 -14.23 5.28
CA GLN A 177 -20.34 -13.37 6.43
C GLN A 177 -19.15 -13.74 7.36
N LEU A 178 -18.54 -14.88 7.09
CA LEU A 178 -17.47 -15.35 8.02
C LEU A 178 -16.70 -16.48 7.34
N TYR A 179 -15.37 -16.45 7.40
CA TYR A 179 -14.64 -17.69 7.04
C TYR A 179 -13.54 -18.02 8.06
N ILE A 180 -13.09 -19.30 8.11
CA ILE A 180 -12.12 -19.72 9.12
C ILE A 180 -11.03 -20.54 8.33
N GLN A 181 -9.77 -20.11 8.50
CA GLN A 181 -8.66 -20.63 7.70
C GLN A 181 -7.68 -21.25 8.71
N CYS A 182 -7.54 -22.61 8.62
CA CYS A 182 -6.80 -23.33 9.68
C CYS A 182 -5.46 -23.91 9.20
N GLU A 183 -4.69 -24.45 10.16
CA GLU A 183 -3.30 -24.87 9.92
C GLU A 183 -3.07 -25.83 8.80
N ASN A 184 -2.06 -25.46 8.00
CA ASN A 184 -1.53 -26.37 6.95
C ASN A 184 -1.04 -27.72 7.68
N PRO A 185 -1.58 -28.86 7.22
CA PRO A 185 -1.19 -30.15 7.97
C PRO A 185 0.24 -30.58 7.70
N ASN A 186 0.94 -29.96 6.73
CA ASN A 186 2.34 -30.33 6.46
C ASN A 186 3.27 -29.12 6.62
N TYR A 187 2.91 -28.13 7.47
CA TYR A 187 3.64 -26.85 7.57
C TYR A 187 5.10 -27.02 7.97
N TRP A 188 6.01 -26.42 7.21
CA TRP A 188 7.43 -26.64 7.46
C TRP A 188 7.90 -26.02 8.75
N ASP A 189 7.15 -25.03 9.32
CA ASP A 189 7.59 -24.32 10.51
C ASP A 189 6.49 -24.52 11.58
N ALA A 190 5.94 -25.74 11.58
CA ALA A 190 4.90 -26.08 12.57
C ALA A 190 5.47 -25.93 13.99
N ALA A 191 6.77 -26.20 14.22
CA ALA A 191 7.30 -26.12 15.59
C ALA A 191 7.18 -24.70 16.22
N ASN A 192 7.07 -23.65 15.37
CA ASN A 192 7.02 -22.26 15.86
C ASN A 192 5.59 -21.65 15.89
N LEU A 193 4.62 -22.39 15.38
CA LEU A 193 3.19 -21.92 15.25
C LEU A 193 2.33 -22.46 16.39
N ASP A 194 1.78 -21.54 17.16
CA ASP A 194 0.92 -21.88 18.36
C ASP A 194 -0.53 -21.38 18.24
N VAL A 195 -0.96 -20.94 17.01
CA VAL A 195 -2.34 -20.51 16.69
C VAL A 195 -2.89 -21.55 15.75
N ASP A 196 -4.11 -22.11 15.99
CA ASP A 196 -4.69 -23.13 15.10
C ASP A 196 -5.36 -22.57 13.84
N CYS A 197 -6.09 -21.46 14.00
CA CYS A 197 -6.86 -20.91 12.88
C CYS A 197 -6.95 -19.39 12.93
N LEU A 198 -7.14 -18.81 11.71
CA LEU A 198 -7.57 -17.40 11.63
C LEU A 198 -9.10 -17.37 11.42
N ARG A 199 -9.74 -16.46 12.21
CA ARG A 199 -11.24 -16.31 12.11
C ARG A 199 -11.44 -14.86 11.51
N VAL A 200 -12.19 -14.86 10.42
CA VAL A 200 -12.22 -13.58 9.57
C VAL A 200 -13.70 -13.22 9.40
N PRO A 201 -14.20 -12.27 10.23
CA PRO A 201 -15.63 -11.84 10.10
C PRO A 201 -15.81 -10.72 9.05
N GLN A 202 -17.00 -10.67 8.45
CA GLN A 202 -17.34 -9.64 7.38
C GLN A 202 -17.70 -8.31 8.06
N ILE A 203 -16.99 -7.25 7.68
CA ILE A 203 -17.19 -5.92 8.32
C ILE A 203 -17.12 -4.89 7.21
N ALA A 204 -18.22 -4.13 6.98
CA ALA A 204 -18.29 -3.24 5.79
C ALA A 204 -17.67 -1.86 5.92
N ASN A 205 -17.55 -1.30 7.10
CA ASN A 205 -17.15 0.12 7.22
C ASN A 205 -16.71 0.43 8.64
N ASN A 206 -16.21 1.63 8.94
CA ASN A 206 -15.62 1.91 10.22
C ASN A 206 -16.69 2.02 11.29
N ASP A 207 -17.98 2.29 10.93
CA ASP A 207 -19.02 2.37 12.03
C ASP A 207 -19.38 0.97 12.52
N GLN A 208 -19.47 0.01 11.61
CA GLN A 208 -19.71 -1.38 12.00
C GLN A 208 -18.52 -1.84 12.79
N PHE A 209 -17.31 -1.53 12.34
CA PHE A 209 -16.12 -1.97 13.12
C PHE A 209 -16.07 -1.40 14.54
N LEU A 210 -16.42 -0.12 14.74
CA LEU A 210 -16.32 0.50 16.06
C LEU A 210 -17.22 -0.32 17.04
N GLY A 211 -18.43 -0.66 16.64
CA GLY A 211 -19.28 -1.51 17.49
C GLY A 211 -18.64 -2.81 17.95
N LYS A 212 -18.07 -3.55 17.03
CA LYS A 212 -17.39 -4.78 17.39
C LYS A 212 -16.17 -4.59 18.23
N VAL A 213 -15.28 -3.65 17.90
CA VAL A 213 -13.99 -3.52 18.68
C VAL A 213 -14.25 -3.01 20.14
N VAL A 214 -15.21 -2.11 20.38
N VAL A 214 -15.25 -2.15 20.33
CA VAL A 214 -15.45 -1.64 21.79
CA VAL A 214 -15.61 -1.58 21.68
C VAL A 214 -16.06 -2.76 22.66
C VAL A 214 -16.13 -2.68 22.61
N ASN A 215 -16.80 -3.66 22.02
CA ASN A 215 -17.42 -4.81 22.74
C ASN A 215 -16.48 -5.98 22.92
N GLY A 216 -15.20 -5.80 22.50
CA GLY A 216 -14.11 -6.79 22.79
C GLY A 216 -14.14 -7.97 21.86
N GLU A 217 -14.84 -7.92 20.75
CA GLU A 217 -14.96 -9.06 19.84
C GLU A 217 -13.70 -9.36 18.98
N MET A 218 -12.78 -8.41 18.91
CA MET A 218 -11.64 -8.58 17.96
C MET A 218 -10.36 -8.96 18.74
N ASP A 219 -9.39 -9.60 18.01
CA ASP A 219 -8.05 -9.78 18.54
C ASP A 219 -6.98 -8.87 17.87
N TRP A 220 -6.97 -8.89 16.51
CA TRP A 220 -5.85 -8.19 15.79
C TRP A 220 -6.44 -7.36 14.63
N THR A 221 -6.31 -6.03 14.79
CA THR A 221 -6.97 -5.11 13.80
C THR A 221 -6.04 -3.93 13.52
N SER A 222 -6.40 -3.19 12.44
CA SER A 222 -5.59 -2.01 11.99
C SER A 222 -6.56 -0.98 11.32
N SER A 223 -7.75 -0.78 11.91
CA SER A 223 -8.68 0.18 11.38
C SER A 223 -8.60 1.55 12.09
N PHE A 224 -9.14 2.60 11.40
CA PHE A 224 -9.30 3.86 12.06
C PHE A 224 -10.38 3.75 13.18
N VAL A 225 -10.09 4.29 14.35
CA VAL A 225 -11.06 4.32 15.52
C VAL A 225 -11.10 5.78 15.98
N PRO A 226 -12.27 6.45 15.90
CA PRO A 226 -12.34 7.82 16.35
C PRO A 226 -12.30 7.92 17.93
N ASP A 227 -11.68 8.98 18.42
CA ASP A 227 -11.68 9.25 19.88
C ASP A 227 -11.24 7.96 20.66
N ILE A 228 -10.09 7.40 20.25
CA ILE A 228 -9.77 6.06 20.68
C ILE A 228 -9.60 5.91 22.22
N ASP A 229 -9.14 6.93 22.93
CA ASP A 229 -8.92 6.71 24.40
C ASP A 229 -10.24 6.66 25.18
N ARG A 230 -11.24 7.40 24.69
CA ARG A 230 -12.57 7.46 25.35
C ARG A 230 -13.58 6.41 24.86
N THR A 231 -13.36 5.79 23.72
CA THR A 231 -14.29 4.81 23.19
C THR A 231 -13.75 3.40 23.45
N TYR A 232 -12.73 3.00 22.70
CA TYR A 232 -12.18 1.67 22.75
C TYR A 232 -11.30 1.41 24.00
N ALA A 233 -10.34 2.27 24.29
CA ALA A 233 -9.35 1.97 25.34
C ALA A 233 -10.02 2.06 26.71
N ALA A 234 -11.06 2.90 26.77
CA ALA A 234 -11.77 3.10 28.06
C ALA A 234 -12.75 1.96 28.34
N ALA A 235 -13.15 1.16 27.34
CA ALA A 235 -14.10 0.10 27.58
C ALA A 235 -13.47 -1.02 28.43
N SER A 236 -12.17 -1.32 28.29
CA SER A 236 -11.59 -2.50 29.07
C SER A 236 -10.09 -2.29 29.22
N PRO A 237 -9.47 -2.75 30.32
CA PRO A 237 -7.98 -2.69 30.47
C PRO A 237 -7.32 -3.77 29.67
N LYS A 238 -8.11 -4.64 29.01
CA LYS A 238 -7.62 -5.61 28.00
C LYS A 238 -7.48 -5.05 26.58
N HIS A 239 -7.89 -3.80 26.37
CA HIS A 239 -7.91 -3.20 25.03
C HIS A 239 -6.72 -2.29 24.89
N HIS A 240 -5.84 -2.62 23.90
CA HIS A 240 -4.56 -1.88 23.77
C HIS A 240 -4.34 -1.39 22.30
N TYR A 241 -3.39 -0.45 22.12
CA TYR A 241 -3.03 -0.08 20.72
C TYR A 241 -1.57 0.35 20.70
N TRP A 242 -1.03 0.39 19.49
CA TRP A 242 0.33 0.95 19.28
C TRP A 242 0.33 1.50 17.83
N TYR A 243 0.64 2.80 17.70
CA TYR A 243 0.59 3.55 16.40
C TYR A 243 1.95 4.14 15.98
N PRO A 244 2.87 3.26 15.50
CA PRO A 244 4.17 3.77 14.99
C PRO A 244 3.92 4.62 13.70
N PRO A 245 4.84 5.59 13.38
CA PRO A 245 4.63 6.49 12.24
C PRO A 245 4.68 5.73 10.87
N ALA A 246 3.76 6.14 9.97
CA ALA A 246 3.61 5.57 8.66
C ALA A 246 3.92 6.66 7.57
N GLY A 247 3.32 6.41 6.38
CA GLY A 247 3.72 7.15 5.16
C GLY A 247 2.87 8.36 4.80
N THR A 248 3.17 8.89 3.61
CA THR A 248 2.47 10.06 3.14
C THR A 248 1.00 9.83 2.76
N GLN A 249 0.22 10.93 2.86
CA GLN A 249 -1.16 10.98 2.30
C GLN A 249 -1.24 12.25 1.45
N ALA A 250 -1.97 12.17 0.33
CA ALA A 250 -1.98 13.35 -0.61
C ALA A 250 -3.28 13.33 -1.41
N PHE A 251 -3.58 14.51 -2.00
CA PHE A 251 -4.54 14.53 -3.14
C PHE A 251 -3.76 14.38 -4.46
N VAL A 252 -4.17 13.39 -5.26
CA VAL A 252 -3.60 13.00 -6.56
C VAL A 252 -4.56 13.46 -7.63
N VAL A 253 -4.06 14.24 -8.63
CA VAL A 253 -4.88 14.65 -9.74
C VAL A 253 -4.56 13.88 -11.00
N ASN A 254 -5.57 13.70 -11.82
CA ASN A 254 -5.50 13.01 -13.14
C ASN A 254 -5.06 14.00 -14.26
N PHE A 255 -3.84 13.76 -14.74
CA PHE A 255 -3.27 14.60 -15.85
C PHE A 255 -3.85 14.15 -17.20
N LYS A 256 -4.50 13.00 -17.28
CA LYS A 256 -5.17 12.58 -18.56
C LYS A 256 -6.70 12.57 -18.48
N ASN A 257 -7.27 13.46 -17.68
CA ASN A 257 -8.74 13.45 -17.62
C ASN A 257 -9.31 13.78 -19.01
N PRO A 258 -10.34 13.04 -19.45
CA PRO A 258 -10.90 13.20 -20.79
C PRO A 258 -11.84 14.39 -20.96
N ASP A 259 -12.20 15.14 -19.90
CA ASP A 259 -13.01 16.33 -20.09
C ASP A 259 -12.08 17.57 -20.34
N ALA A 260 -12.28 18.33 -21.44
CA ALA A 260 -11.31 19.37 -21.79
C ALA A 260 -11.17 20.45 -20.70
N ALA A 261 -12.27 20.90 -20.10
CA ALA A 261 -12.23 21.90 -19.10
C ALA A 261 -11.48 21.41 -17.81
N LYS A 262 -11.90 20.23 -17.32
CA LYS A 262 -11.19 19.70 -16.15
C LYS A 262 -9.68 19.44 -16.42
N ASN A 263 -9.36 18.94 -17.61
CA ASN A 263 -7.95 18.72 -17.96
C ASN A 263 -7.17 20.05 -17.91
N GLU A 264 -7.75 21.15 -18.38
CA GLU A 264 -7.09 22.49 -18.34
C GLU A 264 -6.77 22.90 -16.90
N ALA A 265 -7.66 22.62 -15.92
CA ALA A 265 -7.35 22.95 -14.51
C ALA A 265 -6.32 21.99 -13.93
N LEU A 266 -6.57 20.65 -14.00
CA LEU A 266 -5.78 19.68 -13.26
C LEU A 266 -4.31 19.67 -13.71
N THR A 267 -4.05 19.95 -15.03
CA THR A 267 -2.70 19.88 -15.56
C THR A 267 -1.93 21.20 -15.37
N ASN A 268 -2.51 22.18 -14.69
CA ASN A 268 -1.89 23.54 -14.47
C ASN A 268 -1.18 23.57 -13.11
N VAL A 269 0.15 23.83 -13.07
N VAL A 269 0.15 23.83 -13.15
CA VAL A 269 0.81 23.86 -11.77
CA VAL A 269 0.94 23.96 -11.95
C VAL A 269 0.37 25.03 -10.86
C VAL A 269 0.41 25.03 -10.94
N ASP A 270 0.04 26.21 -11.45
CA ASP A 270 -0.49 27.26 -10.62
C ASP A 270 -1.79 26.82 -9.94
N PHE A 271 -2.65 26.16 -10.69
CA PHE A 271 -3.92 25.63 -10.08
C PHE A 271 -3.63 24.60 -8.94
N ARG A 272 -2.68 23.68 -9.20
CA ARG A 272 -2.34 22.68 -8.09
C ARG A 272 -1.71 23.37 -6.85
N ARG A 273 -0.89 24.41 -7.05
CA ARG A 273 -0.37 25.17 -5.91
C ARG A 273 -1.47 25.97 -5.17
N ALA A 274 -2.46 26.53 -5.91
CA ALA A 274 -3.54 27.30 -5.24
C ALA A 274 -4.49 26.36 -4.44
N PHE A 275 -4.80 25.19 -5.04
CA PHE A 275 -5.56 24.07 -4.35
C PHE A 275 -4.79 23.81 -3.00
N SER A 276 -3.45 23.58 -3.10
CA SER A 276 -2.62 23.24 -1.94
C SER A 276 -2.66 24.36 -0.84
N MET A 277 -2.59 25.64 -1.22
CA MET A 277 -2.61 26.76 -0.25
C MET A 277 -3.98 26.94 0.44
N ALA A 278 -5.03 26.49 -0.26
CA ALA A 278 -6.40 26.60 0.32
C ALA A 278 -6.55 25.66 1.53
N LEU A 279 -5.77 24.57 1.55
CA LEU A 279 -5.92 23.55 2.63
C LEU A 279 -5.33 24.00 3.97
N ASP A 280 -5.99 23.59 5.07
CA ASP A 280 -5.36 23.75 6.38
C ASP A 280 -5.03 22.38 6.93
N ARG A 281 -3.76 21.96 6.78
CA ARG A 281 -3.35 20.58 7.05
C ARG A 281 -3.49 20.28 8.58
N GLN A 282 -3.11 21.23 9.43
CA GLN A 282 -3.21 20.91 10.90
C GLN A 282 -4.69 20.79 11.37
N THR A 283 -5.61 21.56 10.80
CA THR A 283 -7.01 21.36 11.15
C THR A 283 -7.52 20.01 10.62
N ILE A 284 -7.10 19.57 9.41
CA ILE A 284 -7.48 18.27 8.91
C ILE A 284 -7.00 17.19 9.91
N ILE A 285 -5.75 17.28 10.37
CA ILE A 285 -5.23 16.31 11.34
C ILE A 285 -6.05 16.34 12.65
N ASP A 286 -6.28 17.53 13.20
CA ASP A 286 -7.05 17.63 14.51
C ASP A 286 -8.48 17.13 14.41
N ILE A 287 -9.21 17.41 13.31
CA ILE A 287 -10.66 17.01 13.16
C ILE A 287 -10.82 15.64 12.61
N ALA A 288 -10.22 15.35 11.46
CA ALA A 288 -10.48 14.09 10.84
C ALA A 288 -9.71 12.90 11.49
N PHE A 289 -8.52 13.18 12.08
CA PHE A 289 -7.71 12.09 12.64
C PHE A 289 -7.56 12.16 14.16
N TYR A 290 -8.28 13.10 14.82
CA TYR A 290 -8.17 13.26 16.29
C TYR A 290 -6.74 13.44 16.69
N GLY A 291 -5.97 14.21 15.88
CA GLY A 291 -4.59 14.48 16.15
C GLY A 291 -3.55 13.48 15.70
N GLY A 292 -3.96 12.39 15.09
CA GLY A 292 -3.06 11.26 14.79
C GLY A 292 -2.43 11.37 13.43
N GLY A 293 -1.62 12.41 13.28
CA GLY A 293 -0.82 12.60 12.05
C GLY A 293 0.12 13.79 12.22
N THR A 294 1.04 13.98 11.21
CA THR A 294 1.99 15.06 11.24
C THR A 294 1.86 15.90 9.95
N VAL A 295 1.87 17.23 10.03
CA VAL A 295 1.76 18.01 8.74
C VAL A 295 2.85 17.57 7.74
N ASN A 296 2.50 17.50 6.44
CA ASN A 296 3.52 17.26 5.39
C ASN A 296 3.55 18.49 4.45
N ASP A 297 4.54 19.37 4.66
CA ASP A 297 4.69 20.61 3.89
C ASP A 297 5.85 20.50 2.88
N PHE A 298 6.16 19.26 2.47
CA PHE A 298 7.14 18.97 1.41
C PHE A 298 6.39 18.92 0.09
N ALA A 299 6.61 19.87 -0.86
CA ALA A 299 6.02 19.69 -2.20
C ALA A 299 6.29 18.30 -2.85
N SER A 300 7.46 17.74 -2.54
CA SER A 300 7.91 16.45 -3.04
C SER A 300 7.27 15.22 -2.29
N GLY A 301 6.55 15.54 -1.22
CA GLY A 301 5.87 14.47 -0.42
C GLY A 301 6.80 13.76 0.57
N LEU A 302 8.10 14.12 0.62
CA LEU A 302 9.08 13.34 1.37
C LEU A 302 8.67 13.05 2.83
N GLY A 303 8.24 14.09 3.54
CA GLY A 303 7.69 13.86 4.93
C GLY A 303 8.75 13.97 6.01
N TYR A 304 8.34 14.36 7.23
CA TYR A 304 9.27 14.49 8.33
C TYR A 304 9.88 13.22 8.89
N ALA A 305 9.35 12.03 8.63
CA ALA A 305 10.06 10.79 8.97
C ALA A 305 11.43 10.74 8.29
N PHE A 306 11.57 11.35 7.12
CA PHE A 306 12.82 11.36 6.33
C PHE A 306 13.47 12.71 6.23
N GLU A 307 13.29 13.55 7.25
CA GLU A 307 13.87 14.87 7.24
C GLU A 307 15.44 14.78 7.00
N ALA A 308 16.14 13.77 7.55
CA ALA A 308 17.60 13.65 7.33
C ALA A 308 17.98 13.48 5.85
N TRP A 309 17.06 13.04 5.00
CA TRP A 309 17.33 12.92 3.57
C TRP A 309 17.05 14.17 2.74
N SER A 310 16.48 15.22 3.37
CA SER A 310 15.95 16.37 2.60
C SER A 310 17.07 17.33 2.14
N ASP A 311 17.00 17.80 0.89
CA ASP A 311 17.69 19.08 0.52
C ASP A 311 16.85 20.26 1.06
N GLU A 312 17.29 20.91 2.09
CA GLU A 312 16.48 21.94 2.71
C GLU A 312 16.31 23.19 1.82
N LYS A 313 17.23 23.42 0.88
CA LYS A 313 17.02 24.47 -0.07
C LYS A 313 15.75 24.29 -0.91
N THR A 314 15.56 23.07 -1.37
CA THR A 314 14.34 22.74 -2.16
C THR A 314 13.10 22.82 -1.23
N HIS A 315 13.18 22.18 -0.05
CA HIS A 315 12.03 22.20 0.88
C HIS A 315 11.57 23.62 1.18
N ASP A 316 12.53 24.49 1.55
CA ASP A 316 12.22 25.90 1.87
C ASP A 316 11.70 26.70 0.66
N LYS A 317 12.20 26.43 -0.58
CA LYS A 317 11.75 27.13 -1.80
C LYS A 317 10.28 26.93 -2.05
N PHE A 318 9.76 25.70 -1.82
CA PHE A 318 8.34 25.44 -2.16
C PHE A 318 7.36 25.31 -0.96
N LYS A 319 7.86 25.46 0.26
CA LYS A 319 7.06 25.29 1.49
C LYS A 319 5.89 26.28 1.52
N ALA A 320 6.10 27.51 1.06
CA ALA A 320 4.97 28.46 1.00
C ALA A 320 3.74 27.98 0.19
N TYR A 321 3.99 27.14 -0.79
CA TYR A 321 2.85 26.62 -1.60
C TYR A 321 2.23 25.37 -0.97
N ASN A 322 2.74 24.96 0.17
CA ASN A 322 2.27 23.79 0.93
C ASN A 322 1.98 24.15 2.40
N SER A 323 1.50 25.38 2.60
CA SER A 323 1.16 25.91 3.92
C SER A 323 -0.18 26.63 3.70
N TYR A 324 -0.95 26.75 4.76
CA TYR A 324 -2.27 27.39 4.64
C TYR A 324 -2.09 28.87 4.36
N ASN A 325 -2.73 29.35 3.30
CA ASN A 325 -2.70 30.75 2.90
C ASN A 325 -3.83 31.03 1.89
N ALA A 326 -5.03 31.21 2.45
CA ALA A 326 -6.23 31.40 1.64
C ALA A 326 -6.15 32.65 0.76
N GLU A 327 -5.69 33.78 1.30
CA GLU A 327 -5.47 34.99 0.50
C GLU A 327 -4.46 34.79 -0.66
N GLY A 328 -3.31 34.15 -0.36
CA GLY A 328 -2.34 33.80 -1.38
C GLY A 328 -2.91 32.90 -2.49
N ALA A 329 -3.80 31.92 -2.14
CA ALA A 329 -4.43 31.08 -3.13
C ALA A 329 -5.35 31.96 -4.09
N LYS A 330 -6.10 32.89 -3.51
CA LYS A 330 -6.95 33.78 -4.33
C LYS A 330 -6.14 34.64 -5.29
N LYS A 331 -4.98 35.10 -4.77
CA LYS A 331 -4.12 35.99 -5.59
CA LYS A 331 -4.10 36.00 -5.56
C LYS A 331 -3.44 35.17 -6.72
N LEU A 332 -3.06 33.93 -6.40
CA LEU A 332 -2.41 33.08 -7.42
C LEU A 332 -3.42 32.69 -8.51
N LEU A 333 -4.69 32.33 -8.16
CA LEU A 333 -5.70 32.06 -9.18
C LEU A 333 -5.91 33.29 -10.13
N ALA A 334 -5.93 34.47 -9.53
CA ALA A 334 -6.09 35.67 -10.33
C ALA A 334 -4.88 35.92 -11.31
N LYS A 335 -3.66 35.78 -10.77
CA LYS A 335 -2.46 35.97 -11.63
C LYS A 335 -2.35 34.99 -12.73
N ALA A 336 -2.83 33.74 -12.45
CA ALA A 336 -2.70 32.69 -13.45
C ALA A 336 -3.80 32.73 -14.54
N GLY A 337 -4.92 33.45 -14.23
CA GLY A 337 -6.05 33.63 -15.16
C GLY A 337 -7.24 32.66 -14.94
N PHE A 338 -7.34 32.06 -13.75
CA PHE A 338 -8.60 31.35 -13.38
C PHE A 338 -9.54 32.39 -12.88
N LYS A 339 -10.30 32.99 -13.83
CA LYS A 339 -11.25 34.14 -13.56
C LYS A 339 -12.70 33.63 -13.65
N ASP A 340 -13.58 34.10 -12.76
CA ASP A 340 -15.06 33.89 -12.89
C ASP A 340 -15.64 34.74 -14.03
N VAL A 341 -15.91 34.10 -15.17
CA VAL A 341 -16.49 34.86 -16.34
C VAL A 341 -17.97 34.56 -16.52
N ASN A 342 -18.46 33.47 -15.92
CA ASN A 342 -19.94 33.14 -16.11
C ASN A 342 -20.80 33.66 -14.93
N LYS A 343 -20.22 34.36 -13.94
CA LYS A 343 -20.92 35.03 -12.89
C LYS A 343 -21.53 33.99 -11.88
N ASP A 344 -21.02 32.75 -11.83
CA ASP A 344 -21.56 31.82 -10.78
C ASP A 344 -20.79 31.89 -9.45
N GLY A 345 -19.77 32.75 -9.30
CA GLY A 345 -19.08 32.95 -8.02
C GLY A 345 -17.89 31.98 -7.81
N PHE A 346 -17.68 31.08 -8.75
CA PHE A 346 -16.43 30.22 -8.73
C PHE A 346 -15.53 30.54 -9.91
N VAL A 347 -14.24 30.28 -9.74
CA VAL A 347 -13.30 30.50 -10.92
C VAL A 347 -13.60 29.53 -12.03
N ASP A 348 -13.44 29.99 -13.27
CA ASP A 348 -13.47 29.14 -14.48
C ASP A 348 -12.08 28.91 -15.03
N THR A 349 -11.96 28.09 -16.06
CA THR A 349 -10.61 27.80 -16.60
C THR A 349 -10.04 29.06 -17.31
N PRO A 350 -8.70 29.07 -17.59
CA PRO A 350 -8.13 30.18 -18.38
C PRO A 350 -8.83 30.44 -19.70
N SER A 351 -9.33 29.41 -20.39
CA SER A 351 -10.15 29.54 -21.63
C SER A 351 -11.61 29.96 -21.44
N GLY A 352 -12.02 30.20 -20.17
CA GLY A 352 -13.39 30.57 -19.80
C GLY A 352 -14.47 29.47 -19.67
N LYS A 353 -14.06 28.21 -19.46
CA LYS A 353 -15.09 27.12 -19.23
C LYS A 353 -15.31 26.85 -17.78
N SER A 354 -16.57 26.66 -17.39
CA SER A 354 -16.94 26.32 -16.03
CA SER A 354 -16.89 26.32 -16.00
C SER A 354 -16.55 24.86 -15.75
N PHE A 355 -16.18 24.59 -14.49
CA PHE A 355 -15.85 23.18 -14.08
C PHE A 355 -16.07 22.98 -12.59
N GLU A 356 -16.33 21.69 -12.26
CA GLU A 356 -16.34 21.26 -10.85
C GLU A 356 -15.44 20.02 -10.68
N LEU A 357 -14.67 19.94 -9.60
CA LEU A 357 -13.74 18.79 -9.35
C LEU A 357 -14.46 17.75 -8.49
N LEU A 358 -14.43 16.51 -8.95
CA LEU A 358 -15.02 15.40 -8.18
C LEU A 358 -13.86 14.73 -7.41
N ILE A 359 -13.92 14.78 -6.05
CA ILE A 359 -12.76 14.30 -5.23
C ILE A 359 -13.20 12.97 -4.53
N GLN A 360 -12.57 11.85 -4.90
CA GLN A 360 -13.03 10.53 -4.37
C GLN A 360 -12.11 10.03 -3.19
N SER A 361 -12.71 9.32 -2.25
CA SER A 361 -11.98 8.50 -1.26
C SER A 361 -12.85 7.20 -1.08
N PRO A 362 -12.28 6.14 -0.48
CA PRO A 362 -13.03 4.85 -0.49
C PRO A 362 -14.22 4.76 0.54
N ASN A 363 -15.27 4.06 0.12
CA ASN A 363 -16.44 3.83 1.01
C ASN A 363 -16.01 3.16 2.35
N GLY A 364 -16.49 3.77 3.43
CA GLY A 364 -16.22 3.22 4.72
C GLY A 364 -14.93 3.70 5.38
N TRP A 365 -14.02 4.38 4.66
CA TRP A 365 -12.74 4.88 5.26
C TRP A 365 -13.05 6.29 5.76
N THR A 366 -13.73 6.32 6.93
CA THR A 366 -14.37 7.57 7.42
C THR A 366 -13.36 8.72 7.70
N ASP A 367 -12.10 8.41 8.17
CA ASP A 367 -11.07 9.43 8.39
C ASP A 367 -10.78 10.12 7.00
N PHE A 368 -10.62 9.32 5.93
CA PHE A 368 -10.36 9.92 4.60
C PHE A 368 -11.62 10.64 4.09
N ASN A 369 -12.81 10.09 4.33
CA ASN A 369 -14.05 10.72 3.83
C ASN A 369 -14.17 12.08 4.50
N ASN A 370 -13.90 12.19 5.75
CA ASN A 370 -14.00 13.52 6.47
C ASN A 370 -12.94 14.48 5.98
N THR A 371 -11.70 13.95 5.66
CA THR A 371 -10.65 14.82 5.15
C THR A 371 -11.14 15.45 3.81
N VAL A 372 -11.72 14.66 2.92
CA VAL A 372 -12.20 15.25 1.65
C VAL A 372 -13.31 16.28 1.89
N GLN A 373 -14.22 16.02 2.78
CA GLN A 373 -15.32 16.97 3.02
C GLN A 373 -14.76 18.29 3.60
N LEU A 374 -13.72 18.24 4.49
CA LEU A 374 -13.12 19.48 5.00
C LEU A 374 -12.40 20.23 3.84
N ALA A 375 -11.71 19.47 2.98
CA ALA A 375 -11.06 20.15 1.85
C ALA A 375 -12.08 20.77 0.86
N VAL A 376 -13.20 20.16 0.56
CA VAL A 376 -14.23 20.73 -0.33
C VAL A 376 -14.70 22.07 0.31
N GLU A 377 -14.84 22.17 1.64
CA GLU A 377 -15.25 23.49 2.24
C GLU A 377 -14.14 24.57 2.12
N GLN A 378 -12.87 24.12 2.35
CA GLN A 378 -11.67 25.00 2.26
C GLN A 378 -11.49 25.52 0.86
N LEU A 379 -11.66 24.62 -0.12
CA LEU A 379 -11.57 24.98 -1.54
C LEU A 379 -12.67 25.99 -1.94
N ALA A 380 -13.89 25.84 -1.39
CA ALA A 380 -14.99 26.82 -1.80
C ALA A 380 -14.64 28.20 -1.31
N GLU A 381 -13.93 28.32 -0.19
CA GLU A 381 -13.56 29.62 0.40
C GLU A 381 -12.57 30.42 -0.53
N VAL A 382 -11.89 29.70 -1.43
CA VAL A 382 -10.99 30.49 -2.41
C VAL A 382 -11.60 30.52 -3.79
N GLY A 383 -12.84 29.98 -3.95
CA GLY A 383 -13.50 30.06 -5.23
C GLY A 383 -13.33 28.81 -6.14
N ILE A 384 -12.79 27.70 -5.59
CA ILE A 384 -12.66 26.48 -6.36
C ILE A 384 -13.85 25.52 -6.08
N LYS A 385 -14.60 25.17 -7.13
CA LYS A 385 -15.83 24.31 -7.02
C LYS A 385 -15.45 22.81 -7.02
N ALA A 386 -15.84 22.13 -5.92
CA ALA A 386 -15.51 20.70 -5.79
C ALA A 386 -16.73 20.01 -5.05
N ARG A 387 -16.78 18.67 -5.24
CA ARG A 387 -17.62 17.88 -4.34
C ARG A 387 -17.03 16.49 -4.05
N ALA A 388 -17.39 15.95 -2.91
CA ALA A 388 -16.96 14.61 -2.47
C ALA A 388 -17.62 13.45 -3.08
N ARG A 389 -16.91 12.34 -3.36
CA ARG A 389 -17.52 11.05 -3.76
C ARG A 389 -16.87 9.99 -2.86
N THR A 390 -17.61 8.96 -2.52
CA THR A 390 -17.11 7.90 -1.60
C THR A 390 -17.36 6.49 -2.20
N PRO A 391 -16.93 6.22 -3.44
CA PRO A 391 -17.11 4.92 -4.06
C PRO A 391 -16.55 3.74 -3.28
N ASP A 392 -17.19 2.58 -3.45
CA ASP A 392 -16.58 1.29 -3.00
C ASP A 392 -15.10 1.22 -3.44
N PHE A 393 -14.23 0.67 -2.60
CA PHE A 393 -12.79 0.58 -2.96
C PHE A 393 -12.51 0.02 -4.34
N SER A 394 -13.24 -1.02 -4.75
CA SER A 394 -12.95 -1.63 -6.05
C SER A 394 -13.26 -0.60 -7.19
N VAL A 395 -14.33 0.24 -7.07
CA VAL A 395 -14.67 1.19 -8.08
C VAL A 395 -13.69 2.40 -8.00
N TYR A 396 -13.31 2.85 -6.79
CA TYR A 396 -12.27 3.89 -6.54
C TYR A 396 -10.94 3.53 -7.24
N ASN A 397 -10.51 2.26 -7.05
CA ASN A 397 -9.23 1.78 -7.67
C ASN A 397 -9.35 1.66 -9.18
N GLN A 398 -10.46 1.07 -9.70
CA GLN A 398 -10.63 0.93 -11.13
C GLN A 398 -10.71 2.26 -11.85
N ALA A 399 -11.30 3.26 -11.21
CA ALA A 399 -11.37 4.59 -11.84
C ALA A 399 -9.99 5.26 -11.98
N MET A 400 -9.09 4.91 -11.07
CA MET A 400 -7.68 5.38 -11.21
C MET A 400 -6.97 4.63 -12.31
N LEU A 401 -7.04 3.30 -12.33
CA LEU A 401 -6.38 2.54 -13.42
C LEU A 401 -6.87 2.97 -14.82
N GLU A 402 -8.16 3.29 -14.95
CA GLU A 402 -8.80 3.59 -16.27
C GLU A 402 -8.62 5.10 -16.57
N GLY A 403 -8.19 5.94 -15.64
CA GLY A 403 -8.08 7.43 -15.91
C GLY A 403 -9.45 8.11 -16.04
N THR A 404 -10.47 7.60 -15.35
CA THR A 404 -11.82 8.23 -15.43
C THR A 404 -12.09 9.23 -14.27
N TYR A 405 -11.26 9.29 -13.26
CA TYR A 405 -11.51 10.10 -12.03
C TYR A 405 -10.92 11.54 -12.27
N ASP A 406 -11.18 12.47 -11.30
CA ASP A 406 -10.65 13.89 -11.34
C ASP A 406 -9.53 13.99 -10.32
N VAL A 407 -9.85 13.77 -9.04
CA VAL A 407 -8.87 13.90 -7.94
C VAL A 407 -9.21 12.74 -7.01
N ALA A 408 -8.17 12.18 -6.35
CA ALA A 408 -8.38 11.11 -5.34
C ALA A 408 -7.52 11.37 -4.13
N TYR A 409 -8.10 11.21 -2.88
CA TYR A 409 -7.25 11.21 -1.69
C TYR A 409 -6.77 9.78 -1.40
N THR A 410 -5.46 9.71 -1.16
CA THR A 410 -4.86 8.31 -0.95
C THR A 410 -3.67 8.39 0.00
N ASN A 411 -3.43 7.25 0.68
CA ASN A 411 -2.12 7.04 1.30
C ASN A 411 -1.25 6.16 0.37
N TYR A 412 -0.07 5.90 0.90
CA TYR A 412 1.00 5.10 0.15
C TYR A 412 1.67 4.18 1.19
N PHE A 413 2.28 3.11 0.67
CA PHE A 413 3.21 2.30 1.47
C PHE A 413 4.41 3.12 1.90
N HIS A 414 5.01 2.70 2.98
CA HIS A 414 6.10 3.39 3.69
C HIS A 414 7.23 2.41 3.88
N GLY A 415 8.45 2.76 3.49
CA GLY A 415 9.58 1.79 3.64
C GLY A 415 10.66 2.31 4.56
N ALA A 416 11.79 1.60 4.48
CA ALA A 416 12.94 1.95 5.25
C ALA A 416 13.72 3.21 4.77
N ASP A 417 13.43 3.58 3.49
CA ASP A 417 14.06 4.77 2.96
C ASP A 417 12.98 5.45 2.07
N PRO A 418 13.32 6.61 1.49
CA PRO A 418 12.25 7.26 0.64
C PRO A 418 11.88 6.61 -0.62
N TYR A 419 12.62 5.61 -1.13
CA TYR A 419 12.28 5.02 -2.43
C TYR A 419 10.91 4.36 -2.45
N THR A 420 10.49 3.69 -1.39
CA THR A 420 9.20 3.01 -1.46
C THR A 420 8.08 4.02 -1.85
N TYR A 421 8.06 5.14 -1.17
CA TYR A 421 7.15 6.25 -1.53
C TYR A 421 7.42 6.78 -2.96
N TRP A 422 8.65 7.25 -3.22
CA TRP A 422 8.84 7.98 -4.51
C TRP A 422 8.68 7.07 -5.69
N ASN A 423 9.19 5.83 -5.64
CA ASN A 423 9.08 4.97 -6.78
C ASN A 423 7.62 4.52 -7.05
N SER A 424 6.88 4.12 -5.99
CA SER A 424 5.47 3.70 -6.18
C SER A 424 4.56 4.85 -6.59
N ALA A 425 4.88 6.08 -6.14
CA ALA A 425 3.97 7.26 -6.33
C ALA A 425 4.26 7.95 -7.71
N TYR A 426 5.43 7.69 -8.35
CA TYR A 426 5.87 8.52 -9.51
C TYR A 426 6.46 7.72 -10.66
N ASN A 427 6.91 6.46 -10.56
CA ASN A 427 7.57 5.82 -11.77
C ASN A 427 6.54 5.53 -12.84
N SER A 428 6.80 6.06 -14.04
CA SER A 428 5.81 5.84 -15.13
C SER A 428 5.65 4.38 -15.59
N ALA A 429 6.63 3.54 -15.27
CA ALA A 429 6.52 2.10 -15.60
C ALA A 429 5.36 1.48 -14.81
N LEU A 430 4.91 2.11 -13.71
CA LEU A 430 3.81 1.56 -12.87
C LEU A 430 2.44 2.10 -13.23
N GLN A 431 2.33 2.77 -14.38
CA GLN A 431 1.07 3.33 -14.94
C GLN A 431 0.38 2.50 -15.99
N SER A 432 1.00 1.35 -16.36
CA SER A 432 0.43 0.53 -17.42
C SER A 432 0.45 -0.93 -16.98
N GLY A 433 -0.65 -1.64 -17.15
CA GLY A 433 -0.66 -3.01 -16.61
C GLY A 433 -1.95 -3.20 -15.82
N ASP A 434 -2.75 -4.22 -16.17
CA ASP A 434 -4.04 -4.39 -15.59
C ASP A 434 -4.03 -4.85 -14.10
N GLY A 435 -2.86 -5.30 -13.60
CA GLY A 435 -2.65 -5.69 -12.17
C GLY A 435 -2.02 -4.62 -11.31
N MET A 436 -1.61 -3.49 -11.91
CA MET A 436 -0.87 -2.46 -11.15
C MET A 436 -1.82 -1.85 -10.04
N PRO A 437 -1.31 -1.46 -8.88
CA PRO A 437 -2.09 -0.70 -7.89
C PRO A 437 -2.30 0.80 -8.36
N ARG A 438 -2.99 1.55 -7.51
CA ARG A 438 -3.44 2.90 -7.93
C ARG A 438 -2.39 3.96 -7.79
N PHE A 439 -1.21 3.70 -7.15
CA PHE A 439 -0.45 4.82 -6.53
C PHE A 439 0.16 5.72 -7.56
N ALA A 440 0.57 5.20 -8.73
CA ALA A 440 1.24 6.11 -9.76
C ALA A 440 0.22 6.59 -10.81
N MET A 441 -1.08 6.34 -10.59
CA MET A 441 -2.06 6.60 -11.69
C MET A 441 -2.56 8.05 -11.85
N HIS A 442 -1.63 9.02 -11.74
CA HIS A 442 -1.84 10.38 -12.14
C HIS A 442 -1.57 10.62 -13.63
N PHE A 443 -0.75 9.72 -14.22
CA PHE A 443 -0.34 9.81 -15.64
C PHE A 443 0.53 11.00 -16.00
N TYR A 444 1.16 11.59 -15.01
CA TYR A 444 2.34 12.51 -15.18
C TYR A 444 3.49 11.55 -15.49
N LYS A 445 4.04 11.76 -16.70
CA LYS A 445 5.15 10.91 -17.18
C LYS A 445 6.41 11.76 -17.44
N ASN A 446 7.49 11.51 -16.71
CA ASN A 446 8.68 12.33 -16.87
C ASN A 446 9.88 11.32 -16.96
N GLU A 447 10.43 11.17 -18.17
CA GLU A 447 11.54 10.23 -18.35
C GLU A 447 12.80 10.58 -17.62
N LYS A 448 12.98 11.86 -17.30
CA LYS A 448 14.15 12.19 -16.47
C LYS A 448 13.98 11.80 -15.01
N LEU A 449 12.77 11.98 -14.44
CA LEU A 449 12.52 11.47 -13.05
C LEU A 449 12.63 9.91 -13.06
N ASP A 450 12.05 9.23 -14.04
CA ASP A 450 12.13 7.76 -14.15
C ASP A 450 13.64 7.34 -14.14
N GLY A 451 14.48 8.06 -14.91
CA GLY A 451 15.93 7.73 -14.92
C GLY A 451 16.60 7.83 -13.56
N LEU A 452 16.28 8.88 -12.81
CA LEU A 452 16.81 8.98 -11.47
C LEU A 452 16.28 7.89 -10.54
N LEU A 453 14.96 7.66 -10.55
CA LEU A 453 14.39 6.54 -9.70
C LEU A 453 15.08 5.19 -10.04
N ASN A 454 15.23 4.90 -11.34
CA ASN A 454 15.86 3.63 -11.79
C ASN A 454 17.35 3.54 -11.44
N SER A 455 17.96 4.68 -11.16
CA SER A 455 19.42 4.70 -10.82
CA SER A 455 19.41 4.71 -10.81
C SER A 455 19.64 4.53 -9.32
N PHE A 456 18.57 4.76 -8.46
CA PHE A 456 18.76 4.84 -6.98
C PHE A 456 19.57 3.64 -6.40
N TYR A 457 19.23 2.45 -6.80
CA TYR A 457 19.91 1.21 -6.30
C TYR A 457 20.94 0.57 -7.32
N LYS A 458 21.42 1.33 -8.32
CA LYS A 458 22.46 0.78 -9.20
C LYS A 458 23.76 0.50 -8.39
N THR A 459 23.93 1.16 -7.23
CA THR A 459 24.94 0.69 -6.25
C THR A 459 24.23 0.51 -4.92
N ALA A 460 24.99 0.01 -3.92
CA ALA A 460 24.53 0.05 -2.51
C ALA A 460 25.08 1.20 -1.68
N ASP A 461 25.64 2.22 -2.32
CA ASP A 461 26.32 3.28 -1.62
C ASP A 461 25.32 4.34 -1.13
N LYS A 462 25.17 4.50 0.19
CA LYS A 462 24.11 5.37 0.68
C LYS A 462 24.44 6.85 0.46
N GLN A 463 25.74 7.18 0.46
CA GLN A 463 26.02 8.62 0.20
C GLN A 463 25.59 9.03 -1.23
N GLU A 464 25.73 8.11 -2.21
CA GLU A 464 25.31 8.44 -3.58
C GLU A 464 23.77 8.43 -3.71
N GLN A 465 23.13 7.53 -2.97
CA GLN A 465 21.66 7.49 -2.91
C GLN A 465 21.16 8.83 -2.31
N LEU A 466 21.84 9.48 -1.33
CA LEU A 466 21.39 10.77 -0.85
C LEU A 466 21.45 11.86 -1.96
N GLU A 467 22.51 11.87 -2.81
CA GLU A 467 22.52 12.87 -3.91
C GLU A 467 21.39 12.60 -4.94
N ILE A 468 21.12 11.32 -5.28
CA ILE A 468 20.09 10.94 -6.23
C ILE A 468 18.74 11.41 -5.61
N ALA A 469 18.57 11.21 -4.31
CA ALA A 469 17.34 11.73 -3.62
C ALA A 469 17.15 13.22 -3.83
N HIS A 470 18.21 14.01 -3.71
CA HIS A 470 18.12 15.50 -3.90
C HIS A 470 17.63 15.83 -5.30
N GLY A 471 18.04 15.07 -6.33
CA GLY A 471 17.59 15.32 -7.69
C GLY A 471 16.09 15.02 -7.80
N ILE A 472 15.70 13.85 -7.30
CA ILE A 472 14.25 13.43 -7.36
C ILE A 472 13.40 14.51 -6.62
N GLN A 473 13.84 14.91 -5.44
CA GLN A 473 13.12 15.84 -4.58
C GLN A 473 12.87 17.19 -5.35
N GLN A 474 13.88 17.71 -6.06
CA GLN A 474 13.77 18.91 -6.83
C GLN A 474 12.82 18.80 -8.02
N ILE A 475 12.85 17.73 -8.79
CA ILE A 475 11.99 17.62 -9.96
C ILE A 475 10.51 17.56 -9.53
N ILE A 476 10.18 16.71 -8.51
CA ILE A 476 8.75 16.61 -8.14
C ILE A 476 8.28 17.93 -7.50
N ALA A 477 9.06 18.51 -6.60
CA ALA A 477 8.66 19.79 -5.92
C ALA A 477 8.43 20.93 -6.98
N GLN A 478 9.29 21.04 -8.02
CA GLN A 478 9.15 22.19 -8.91
C GLN A 478 7.88 22.01 -9.72
N ASP A 479 7.43 20.74 -9.98
CA ASP A 479 6.23 20.55 -10.78
C ASP A 479 4.93 20.38 -9.86
N GLN A 480 5.07 20.39 -8.52
CA GLN A 480 3.93 20.19 -7.59
C GLN A 480 3.06 19.06 -8.15
N VAL A 481 3.62 17.88 -8.35
CA VAL A 481 2.92 16.85 -9.12
C VAL A 481 1.63 16.41 -8.37
N THR A 482 1.74 16.17 -7.07
CA THR A 482 0.50 15.91 -6.26
C THR A 482 0.39 17.03 -5.22
N ILE A 483 -0.61 16.99 -4.29
CA ILE A 483 -0.77 17.93 -3.16
C ILE A 483 -0.62 17.13 -1.82
N PRO A 484 0.62 16.99 -1.34
CA PRO A 484 0.79 16.21 -0.04
C PRO A 484 0.11 16.95 1.13
N VAL A 485 -0.50 16.19 2.04
CA VAL A 485 -1.21 16.76 3.19
C VAL A 485 -0.55 16.44 4.56
N LEU A 486 -0.30 15.15 4.79
CA LEU A 486 0.20 14.78 6.14
C LEU A 486 0.98 13.44 6.01
N SER A 487 1.69 13.07 7.10
CA SER A 487 2.21 11.70 7.30
C SER A 487 1.34 11.03 8.38
N GLY A 488 0.85 9.82 8.05
CA GLY A 488 -0.11 9.07 8.95
C GLY A 488 0.53 8.11 9.89
N ALA A 489 -0.30 7.17 10.34
CA ALA A 489 0.16 6.27 11.41
C ALA A 489 -0.17 4.85 10.96
N TYR A 490 0.63 3.89 11.44
CA TYR A 490 0.29 2.48 11.30
C TYR A 490 -0.75 2.03 12.33
N MET A 491 -2.05 2.29 12.08
CA MET A 491 -3.11 2.03 13.10
CA MET A 491 -3.08 2.03 13.13
C MET A 491 -3.10 0.56 13.48
N TYR A 492 -3.09 0.26 14.81
CA TYR A 492 -3.07 -1.17 15.23
C TYR A 492 -3.62 -1.28 16.62
N GLN A 493 -4.60 -2.21 16.72
CA GLN A 493 -5.25 -2.50 18.06
C GLN A 493 -5.14 -3.97 18.32
N TYR A 494 -4.81 -4.31 19.60
CA TYR A 494 -4.67 -5.73 20.00
C TYR A 494 -5.43 -5.90 21.35
N ASN A 495 -5.87 -7.12 21.56
CA ASN A 495 -6.68 -7.48 22.78
C ASN A 495 -5.81 -8.54 23.51
N THR A 496 -5.72 -8.47 24.85
CA THR A 496 -4.93 -9.48 25.62
C THR A 496 -5.90 -10.47 26.28
N THR A 497 -7.16 -10.54 25.87
CA THR A 497 -8.13 -11.54 26.48
C THR A 497 -7.77 -12.99 26.10
N ARG A 498 -7.53 -13.24 24.84
CA ARG A 498 -7.36 -14.59 24.35
C ARG A 498 -5.92 -14.95 23.96
N PHE A 499 -5.04 -13.99 23.72
CA PHE A 499 -3.67 -14.28 23.24
C PHE A 499 -2.74 -13.32 23.89
N THR A 500 -1.48 -13.78 24.01
CA THR A 500 -0.34 -12.94 24.40
C THR A 500 0.83 -13.04 23.39
N GLY A 501 1.85 -12.20 23.54
CA GLY A 501 3.06 -12.21 22.69
C GLY A 501 3.10 -11.02 21.71
N TRP A 502 2.10 -10.17 21.79
CA TRP A 502 1.93 -9.03 20.83
C TRP A 502 3.11 -8.07 20.77
N TRP A 503 3.38 -7.55 19.53
CA TRP A 503 4.31 -6.43 19.41
C TRP A 503 3.66 -5.15 19.91
N ASN A 504 4.45 -4.25 20.45
CA ASN A 504 3.98 -2.99 21.00
C ASN A 504 5.11 -2.03 21.31
N GLU A 505 4.86 -0.89 21.97
CA GLU A 505 5.90 0.10 22.19
C GLU A 505 7.02 -0.46 23.12
N GLU A 506 6.71 -1.41 23.99
CA GLU A 506 7.76 -2.02 24.78
C GLU A 506 8.35 -3.25 24.15
N ASN A 507 7.78 -3.71 23.05
CA ASN A 507 8.25 -4.89 22.30
C ASN A 507 8.18 -4.61 20.79
N PRO A 508 8.96 -3.59 20.34
CA PRO A 508 8.67 -2.92 19.01
C PRO A 508 9.39 -3.76 17.90
N LYS A 509 8.91 -4.95 17.67
CA LYS A 509 9.65 -5.93 16.83
C LYS A 509 9.59 -5.65 15.35
N GLY A 510 8.51 -5.02 14.91
CA GLY A 510 8.37 -4.75 13.45
C GLY A 510 7.03 -4.07 13.23
N ARG A 511 6.74 -3.71 11.98
CA ARG A 511 5.37 -3.11 11.63
C ARG A 511 4.33 -4.11 12.15
N PRO A 512 3.36 -3.66 12.99
CA PRO A 512 2.49 -4.66 13.71
C PRO A 512 1.16 -4.95 12.96
N ASN A 513 0.96 -4.40 11.74
CA ASN A 513 -0.37 -4.36 11.14
C ASN A 513 -0.78 -5.67 10.50
N ILE A 514 -2.09 -5.83 10.23
CA ILE A 514 -2.63 -7.05 9.74
C ILE A 514 -3.00 -7.01 8.24
N TRP A 515 -2.82 -5.83 7.61
CA TRP A 515 -3.16 -5.69 6.18
C TRP A 515 -2.34 -6.60 5.25
N ALA A 516 -3.00 -6.93 4.09
CA ALA A 516 -2.16 -7.54 3.01
C ALA A 516 -1.09 -6.44 2.53
N GLY A 517 0.11 -6.90 2.20
CA GLY A 517 1.21 -5.96 1.84
C GLY A 517 2.10 -5.65 3.00
N ILE A 518 1.83 -6.25 4.20
CA ILE A 518 2.73 -6.08 5.38
C ILE A 518 3.22 -7.51 5.67
N PRO A 519 4.26 -7.95 4.95
CA PRO A 519 4.61 -9.40 5.08
C PRO A 519 5.15 -9.75 6.50
N GLU A 520 5.55 -8.78 7.30
CA GLU A 520 5.90 -9.01 8.72
C GLU A 520 4.72 -9.63 9.50
N ARG A 521 3.43 -9.55 9.00
CA ARG A 521 2.35 -10.18 9.76
C ARG A 521 2.57 -11.69 9.89
N LEU A 522 3.32 -12.32 8.97
CA LEU A 522 3.65 -13.77 9.16
C LEU A 522 4.57 -13.93 10.41
N LEU A 523 5.56 -13.04 10.56
CA LEU A 523 6.47 -13.08 11.72
C LEU A 523 5.69 -12.79 13.03
N HIS A 524 4.74 -11.89 12.94
CA HIS A 524 3.98 -11.48 14.21
C HIS A 524 3.06 -12.65 14.61
N VAL A 525 2.43 -13.36 13.71
CA VAL A 525 1.49 -14.50 14.15
C VAL A 525 2.31 -15.65 14.73
N LEU A 526 3.54 -15.83 14.26
CA LEU A 526 4.47 -16.82 14.89
C LEU A 526 4.95 -16.45 16.31
N ASP A 527 4.65 -15.25 16.83
CA ASP A 527 5.02 -14.87 18.23
C ASP A 527 3.76 -15.05 19.17
N LEU A 528 2.55 -15.24 18.66
CA LEU A 528 1.30 -15.24 19.47
C LEU A 528 1.04 -16.60 20.13
N LYS A 529 0.61 -16.56 21.39
CA LYS A 529 0.33 -17.82 22.14
C LYS A 529 -1.09 -17.68 22.74
N PRO A 530 -1.90 -18.72 22.66
CA PRO A 530 -3.20 -18.64 23.45
C PRO A 530 -3.05 -18.58 24.95
N VAL A 531 -3.93 -17.78 25.63
CA VAL A 531 -4.19 -17.76 27.06
C VAL A 531 -5.56 -18.49 27.24
N LYS A 532 -6.39 -18.63 26.17
CA LYS A 532 -7.68 -19.39 26.14
C LYS A 532 -7.89 -20.17 24.85
C1 NAG B . -4.29 -1.11 2.91
C2 NAG B . -4.39 0.42 3.01
C3 NAG B . -4.98 0.74 4.45
C4 NAG B . -6.38 0.10 4.43
C5 NAG B . -6.23 -1.39 4.17
C6 NAG B . -7.58 -2.08 4.14
C7 NAG B . -2.50 1.50 1.68
C8 NAG B . -1.16 2.21 1.62
N2 NAG B . -3.02 1.07 2.93
O1 NAG B . -3.71 -1.48 1.69
O3 NAG B . -5.10 2.18 4.57
O4 NAG B . -6.91 0.20 5.80
O5 NAG B . -5.69 -1.51 2.80
O6 NAG B . -8.50 -1.41 3.25
O7 NAG B . -3.16 1.32 0.65
C1 NAG B . -7.96 1.16 5.99
C2 NAG B . -8.73 0.79 7.28
C3 NAG B . -9.81 1.88 7.56
C4 NAG B . -9.20 3.27 7.53
C5 NAG B . -8.50 3.47 6.18
C6 NAG B . -7.74 4.80 6.09
C7 NAG B . -8.98 -1.70 7.68
C8 NAG B . -9.80 -2.95 7.30
N2 NAG B . -9.38 -0.54 7.13
O3 NAG B . -10.37 1.63 8.89
O4 NAG B . -10.35 4.16 7.50
O5 NAG B . -7.40 2.47 6.12
O6 NAG B . -6.95 5.18 7.23
O7 NAG B . -7.99 -1.72 8.42
C8 P4G C . -23.02 25.69 -4.96
C7 P4G C . -23.74 26.75 -4.12
O4 P4G C . -23.63 28.00 -4.81
C6 P4G C . -23.52 29.18 -4.02
C5 P4G C . -22.97 30.22 -4.97
O3 P4G C . -22.10 31.18 -4.35
C4 P4G C . -20.78 31.22 -4.91
C3 P4G C . -19.76 30.76 -3.87
O2 P4G C . -18.44 31.33 -4.00
C2 P4G C . -17.69 31.04 -2.81
C1 P4G C . -17.33 32.33 -2.12
C8 P4G D . 14.33 -0.23 -17.70
C7 P4G D . 14.86 -1.02 -16.53
O4 P4G D . 14.30 -0.66 -15.26
C6 P4G D . 12.87 -0.45 -15.19
C5 P4G D . 12.47 -0.11 -13.80
O3 P4G D . 11.09 0.31 -13.68
C4 P4G D . 10.72 -0.43 -12.52
C3 P4G D . 9.55 0.10 -11.71
O2 P4G D . 9.26 -0.91 -10.71
C2 P4G D . 10.03 -0.77 -9.51
C1 P4G D . 9.75 -1.89 -8.55
NI NI E . 10.23 19.34 -0.97
#